data_8Y2E
#
_entry.id   8Y2E
#
_cell.length_a   1.00
_cell.length_b   1.00
_cell.length_c   1.00
_cell.angle_alpha   90.00
_cell.angle_beta   90.00
_cell.angle_gamma   90.00
#
_symmetry.space_group_name_H-M   'P 1'
#
loop_
_entity.id
_entity.type
_entity.pdbx_description
1 polymer 'Sodium-dependent dopamine transporter'
2 non-polymer 2-acetamido-2-deoxy-beta-D-glucopyranose
3 non-polymer benztropine
#
_entity_poly.entity_id   1
_entity_poly.type   'polypeptide(L)'
_entity_poly.pdbx_seq_one_letter_code
;KIDFLLSVIGFAVDLANVWRFPYLCYKNGGGAFLVPYLLFMVIAGMPLFYMELALGQFNREGAAGVWKICPILKGVGFTV
ILISLYVGFFYNVIIAWALHYLFSSFTTELPWIHCNNSWNSPNCSDAHPGDSSGDSSGLNDTFGTTPAAEYFERGVLHLH
QSHGIDDLGPPRWQLTACLVLVIVLLYFSLWKGVKTSGKVVWITATMPYVVLTALLLRGVTLPGAIDGIRAYLSVDFYRL
CEASVWIDAATQVCFSLGVGFGVLIAFSSYNKFTNNCYRDAIVTTSINSLTSFSSGFVVFSFLGYMAQKHSVPIGDVAKD
GPGLIFIIYPEAIATLPLSSAWAVVFFIMLLTLGIDSAMGGMESVITGLIDEFQLLHRHRELFTLFIVLATFLLSLFCVT
NGGIYVFTLLDHFAAGTSILFGVLIEAIGVAWFYGVGQFSDDIQQMTGQRPSLYWRLCWKLVSPCFLLFVVVVSIVTFRP
PHYGAYIFPDWANALGWVIATSSMAMVPIYAAYKFCSLPGSFREKLAYAIAPEKDRELVDRGEVRQFTLRHWLKV
;
_entity_poly.pdbx_strand_id   A
#
# COMPACT_ATOMS: atom_id res chain seq x y z
N LYS A 1 21.79 -10.61 -15.47
CA LYS A 1 22.37 -9.55 -14.63
C LYS A 1 21.69 -8.21 -14.90
N ILE A 2 21.59 -7.84 -16.18
CA ILE A 2 20.92 -6.60 -16.53
C ILE A 2 19.43 -6.70 -16.24
N ASP A 3 18.81 -7.82 -16.64
CA ASP A 3 17.38 -8.01 -16.39
C ASP A 3 17.10 -8.09 -14.90
N PHE A 4 17.95 -8.79 -14.14
CA PHE A 4 17.76 -8.88 -12.70
C PHE A 4 17.96 -7.52 -12.04
N LEU A 5 18.94 -6.75 -12.50
CA LEU A 5 19.16 -5.41 -11.95
C LEU A 5 17.96 -4.51 -12.20
N LEU A 6 17.42 -4.54 -13.42
CA LEU A 6 16.24 -3.72 -13.72
C LEU A 6 15.02 -4.21 -12.97
N SER A 7 14.98 -5.50 -12.60
CA SER A 7 13.84 -6.02 -11.84
C SER A 7 13.80 -5.43 -10.44
N VAL A 8 14.96 -5.37 -9.76
CA VAL A 8 15.00 -4.83 -8.40
C VAL A 8 14.74 -3.33 -8.41
N ILE A 9 15.26 -2.63 -9.42
CA ILE A 9 15.10 -1.18 -9.50
C ILE A 9 13.64 -0.79 -9.68
N GLY A 10 12.87 -1.61 -10.41
CA GLY A 10 11.47 -1.28 -10.65
C GLY A 10 10.68 -1.16 -9.37
N PHE A 11 10.85 -2.11 -8.45
CA PHE A 11 10.13 -2.06 -7.18
C PHE A 11 10.77 -1.13 -6.17
N ALA A 12 11.95 -0.57 -6.47
CA ALA A 12 12.67 0.23 -5.49
C ALA A 12 11.92 1.52 -5.16
N VAL A 13 11.48 2.25 -6.19
CA VAL A 13 10.82 3.54 -6.02
C VAL A 13 9.40 3.41 -6.56
N ASP A 14 8.42 3.71 -5.72
CA ASP A 14 7.02 3.70 -6.13
C ASP A 14 6.29 4.78 -5.34
N LEU A 15 4.97 4.76 -5.41
CA LEU A 15 4.17 5.76 -4.71
C LEU A 15 4.13 5.54 -3.21
N ALA A 16 4.38 4.31 -2.75
CA ALA A 16 4.32 4.03 -1.32
C ALA A 16 5.52 4.63 -0.59
N ASN A 17 6.71 4.53 -1.19
CA ASN A 17 7.92 5.04 -0.54
C ASN A 17 8.07 6.54 -0.66
N VAL A 18 7.36 7.18 -1.59
CA VAL A 18 7.55 8.61 -1.86
C VAL A 18 6.44 9.41 -1.19
N TRP A 19 5.21 8.88 -1.18
CA TRP A 19 4.06 9.60 -0.68
C TRP A 19 3.68 9.20 0.74
N ARG A 20 3.41 7.91 0.96
CA ARG A 20 2.83 7.48 2.24
C ARG A 20 3.86 7.43 3.36
N PHE A 21 5.09 7.03 3.04
CA PHE A 21 6.08 6.84 4.10
C PHE A 21 6.42 8.13 4.85
N PRO A 22 6.73 9.26 4.19
CA PRO A 22 6.97 10.49 4.96
C PRO A 22 5.77 10.95 5.75
N TYR A 23 4.56 10.76 5.23
CA TYR A 23 3.35 11.11 5.97
C TYR A 23 3.25 10.33 7.26
N LEU A 24 3.39 9.00 7.19
CA LEU A 24 3.30 8.18 8.39
C LEU A 24 4.47 8.42 9.33
N CYS A 25 5.64 8.78 8.79
CA CYS A 25 6.79 9.06 9.64
C CYS A 25 6.61 10.36 10.40
N TYR A 26 6.09 11.39 9.74
CA TYR A 26 5.84 12.67 10.42
C TYR A 26 4.71 12.54 11.43
N LYS A 27 3.71 11.72 11.13
CA LYS A 27 2.59 11.55 12.06
C LYS A 27 3.05 10.96 13.38
N ASN A 28 3.96 9.98 13.35
CA ASN A 28 4.31 9.19 14.53
C ASN A 28 5.59 9.64 15.22
N GLY A 29 6.25 10.69 14.74
CA GLY A 29 7.41 11.23 15.44
C GLY A 29 8.71 11.19 14.67
N GLY A 30 8.98 10.08 13.98
CA GLY A 30 10.15 9.99 13.13
C GLY A 30 11.12 8.85 13.42
N GLY A 31 11.34 8.54 14.70
CA GLY A 31 12.21 7.42 15.04
C GLY A 31 11.43 6.32 15.74
N ALA A 32 10.41 6.74 16.49
CA ALA A 32 9.46 5.82 17.08
C ALA A 32 8.63 5.10 16.03
N PHE A 33 8.67 5.57 14.78
CA PHE A 33 8.12 4.83 13.65
C PHE A 33 9.17 4.02 12.92
N LEU A 34 10.42 4.47 12.93
CA LEU A 34 11.50 3.72 12.28
C LEU A 34 11.77 2.42 13.00
N VAL A 35 11.74 2.41 14.33
CA VAL A 35 12.04 1.19 15.07
C VAL A 35 11.03 0.08 14.80
N PRO A 36 9.71 0.29 14.95
CA PRO A 36 8.77 -0.79 14.61
C PRO A 36 8.81 -1.18 13.15
N TYR A 37 9.09 -0.24 12.25
CA TYR A 37 9.17 -0.58 10.83
C TYR A 37 10.23 -1.63 10.58
N LEU A 38 11.45 -1.39 11.06
CA LEU A 38 12.54 -2.35 10.89
C LEU A 38 12.24 -3.65 11.64
N LEU A 39 11.70 -3.54 12.85
CA LEU A 39 11.41 -4.74 13.64
C LEU A 39 10.41 -5.65 12.93
N PHE A 40 9.35 -5.07 12.37
CA PHE A 40 8.37 -5.88 11.65
C PHE A 40 8.92 -6.35 10.31
N MET A 41 9.71 -5.52 9.64
CA MET A 41 10.27 -5.91 8.35
C MET A 41 11.14 -7.15 8.50
N VAL A 42 12.24 -7.03 9.25
CA VAL A 42 13.23 -8.10 9.34
C VAL A 42 12.65 -9.41 9.88
N ILE A 43 11.44 -9.38 10.44
CA ILE A 43 10.85 -10.55 11.06
C ILE A 43 9.75 -11.15 10.20
N ALA A 44 8.89 -10.33 9.58
CA ALA A 44 7.74 -10.87 8.88
C ALA A 44 7.47 -10.22 7.53
N GLY A 45 8.47 -9.57 6.91
CA GLY A 45 8.26 -9.07 5.57
C GLY A 45 9.04 -9.88 4.57
N MET A 46 10.29 -10.23 4.92
CA MET A 46 11.06 -11.13 4.08
C MET A 46 10.47 -12.53 4.03
N PRO A 47 10.12 -13.17 5.16
CA PRO A 47 9.52 -14.52 5.05
C PRO A 47 8.25 -14.57 4.23
N LEU A 48 7.38 -13.55 4.34
CA LEU A 48 6.13 -13.58 3.58
C LEU A 48 6.37 -13.29 2.11
N PHE A 49 7.32 -12.40 1.80
CA PHE A 49 7.71 -12.17 0.42
C PHE A 49 8.23 -13.46 -0.22
N TYR A 50 9.12 -14.16 0.49
CA TYR A 50 9.65 -15.43 0.01
C TYR A 50 8.55 -16.46 -0.17
N MET A 51 7.64 -16.56 0.81
CA MET A 51 6.56 -17.54 0.72
C MET A 51 5.65 -17.26 -0.47
N GLU A 52 5.28 -15.99 -0.69
CA GLU A 52 4.43 -15.66 -1.83
C GLU A 52 5.12 -15.94 -3.15
N LEU A 53 6.41 -15.59 -3.26
CA LEU A 53 7.16 -15.88 -4.48
C LEU A 53 7.18 -17.37 -4.77
N ALA A 54 7.53 -18.18 -3.77
CA ALA A 54 7.62 -19.63 -3.97
C ALA A 54 6.27 -20.23 -4.30
N LEU A 55 5.21 -19.79 -3.61
CA LEU A 55 3.89 -20.32 -3.86
C LEU A 55 3.44 -20.02 -5.28
N GLY A 56 3.59 -18.77 -5.72
CA GLY A 56 3.21 -18.41 -7.07
C GLY A 56 4.03 -19.15 -8.11
N GLN A 57 5.34 -19.28 -7.89
CA GLN A 57 6.21 -19.91 -8.87
C GLN A 57 5.97 -21.40 -8.98
N PHE A 58 5.61 -22.06 -7.87
CA PHE A 58 5.36 -23.50 -7.94
C PHE A 58 3.97 -23.81 -8.47
N ASN A 59 2.95 -23.12 -7.96
CA ASN A 59 1.58 -23.45 -8.36
C ASN A 59 1.27 -22.98 -9.77
N ARG A 60 1.98 -21.96 -10.26
CA ARG A 60 1.81 -21.44 -11.63
C ARG A 60 0.36 -21.05 -11.91
N GLU A 61 -0.29 -20.47 -10.91
CA GLU A 61 -1.67 -20.02 -11.05
C GLU A 61 -1.84 -18.69 -10.33
N GLY A 62 -3.01 -18.09 -10.52
CA GLY A 62 -3.24 -16.74 -10.03
C GLY A 62 -3.44 -16.69 -8.53
N ALA A 63 -3.92 -15.53 -8.07
CA ALA A 63 -4.12 -15.32 -6.65
C ALA A 63 -5.17 -16.27 -6.08
N ALA A 64 -6.23 -16.53 -6.83
CA ALA A 64 -7.31 -17.38 -6.37
C ALA A 64 -7.15 -18.84 -6.77
N GLY A 65 -6.44 -19.12 -7.86
CA GLY A 65 -6.25 -20.48 -8.32
C GLY A 65 -5.21 -21.28 -7.57
N VAL A 66 -4.38 -20.62 -6.76
CA VAL A 66 -3.37 -21.32 -5.97
C VAL A 66 -4.03 -22.22 -4.94
N TRP A 67 -5.17 -21.81 -4.38
CA TRP A 67 -5.71 -22.49 -3.21
C TRP A 67 -6.39 -23.80 -3.58
N LYS A 68 -5.64 -24.67 -4.27
CA LYS A 68 -5.98 -26.08 -4.37
C LYS A 68 -5.21 -26.92 -3.37
N ILE A 69 -4.35 -26.28 -2.57
CA ILE A 69 -3.64 -26.98 -1.52
C ILE A 69 -4.46 -26.99 -0.23
N CYS A 70 -5.29 -25.98 -0.02
CA CYS A 70 -6.30 -25.97 1.05
C CYS A 70 -7.59 -25.47 0.42
N PRO A 71 -8.41 -26.37 -0.11
CA PRO A 71 -9.59 -25.93 -0.88
C PRO A 71 -10.56 -25.07 -0.09
N ILE A 72 -10.65 -25.26 1.23
CA ILE A 72 -11.61 -24.50 2.02
C ILE A 72 -11.20 -23.05 2.24
N LEU A 73 -9.91 -22.75 2.16
CA LEU A 73 -9.41 -21.39 2.37
C LEU A 73 -9.19 -20.67 1.04
N LYS A 74 -10.29 -20.48 0.31
CA LYS A 74 -10.23 -19.84 -0.99
C LYS A 74 -10.83 -18.43 -1.01
N GLY A 75 -11.61 -18.06 0.01
CA GLY A 75 -12.16 -16.71 0.06
C GLY A 75 -11.11 -15.63 0.17
N VAL A 76 -9.90 -16.00 0.61
CA VAL A 76 -8.79 -15.05 0.64
C VAL A 76 -8.30 -14.70 -0.76
N GLY A 77 -8.76 -15.42 -1.78
CA GLY A 77 -8.48 -15.02 -3.15
C GLY A 77 -9.36 -13.90 -3.64
N PHE A 78 -10.57 -13.76 -3.09
CA PHE A 78 -11.46 -12.65 -3.42
C PHE A 78 -11.30 -11.49 -2.45
N THR A 79 -10.87 -11.77 -1.22
CA THR A 79 -10.59 -10.69 -0.27
C THR A 79 -9.53 -9.74 -0.80
N VAL A 80 -8.45 -10.30 -1.37
CA VAL A 80 -7.37 -9.48 -1.89
C VAL A 80 -7.83 -8.68 -3.10
N ILE A 81 -8.69 -9.26 -3.94
CA ILE A 81 -9.22 -8.55 -5.09
C ILE A 81 -10.07 -7.36 -4.64
N LEU A 82 -10.91 -7.57 -3.63
CA LEU A 82 -11.72 -6.47 -3.10
C LEU A 82 -10.84 -5.38 -2.51
N ILE A 83 -9.79 -5.78 -1.79
CA ILE A 83 -8.87 -4.80 -1.19
C ILE A 83 -8.19 -3.98 -2.28
N SER A 84 -7.75 -4.64 -3.35
CA SER A 84 -7.09 -3.93 -4.43
C SER A 84 -8.03 -2.96 -5.13
N LEU A 85 -9.29 -3.36 -5.32
CA LEU A 85 -10.28 -2.45 -5.89
C LEU A 85 -10.48 -1.23 -5.00
N TYR A 86 -10.60 -1.46 -3.69
CA TYR A 86 -10.79 -0.34 -2.75
C TYR A 86 -9.59 0.61 -2.79
N VAL A 87 -8.39 0.06 -2.85
CA VAL A 87 -7.20 0.90 -2.92
C VAL A 87 -7.19 1.71 -4.21
N GLY A 88 -7.48 1.05 -5.34
CA GLY A 88 -7.50 1.74 -6.62
C GLY A 88 -8.56 2.81 -6.71
N PHE A 89 -9.60 2.73 -5.89
CA PHE A 89 -10.61 3.80 -5.89
C PHE A 89 -9.98 5.15 -5.54
N PHE A 90 -9.23 5.21 -4.45
CA PHE A 90 -8.61 6.45 -4.03
C PHE A 90 -7.19 6.63 -4.56
N TYR A 91 -6.67 5.63 -5.28
CA TYR A 91 -5.30 5.74 -5.78
C TYR A 91 -5.19 6.70 -6.96
N ASN A 92 -6.31 7.13 -7.54
CA ASN A 92 -6.30 8.00 -8.72
C ASN A 92 -6.34 9.48 -8.37
N VAL A 93 -6.75 9.83 -7.15
CA VAL A 93 -6.78 11.23 -6.75
C VAL A 93 -5.37 11.80 -6.66
N ILE A 94 -4.40 10.98 -6.26
CA ILE A 94 -3.01 11.42 -6.24
C ILE A 94 -2.55 11.81 -7.65
N ILE A 95 -2.88 10.98 -8.64
CA ILE A 95 -2.48 11.27 -10.01
C ILE A 95 -3.23 12.49 -10.54
N ALA A 96 -4.49 12.67 -10.13
CA ALA A 96 -5.22 13.87 -10.54
C ALA A 96 -4.56 15.13 -9.97
N TRP A 97 -4.16 15.08 -8.70
CA TRP A 97 -3.45 16.22 -8.10
C TRP A 97 -2.13 16.48 -8.80
N ALA A 98 -1.40 15.41 -9.15
CA ALA A 98 -0.14 15.57 -9.86
C ALA A 98 -0.34 16.21 -11.23
N LEU A 99 -1.39 15.80 -11.94
CA LEU A 99 -1.70 16.40 -13.23
C LEU A 99 -2.06 17.87 -13.08
N HIS A 100 -2.85 18.20 -12.07
CA HIS A 100 -3.20 19.59 -11.82
C HIS A 100 -1.96 20.44 -11.55
N TYR A 101 -1.05 19.94 -10.71
CA TYR A 101 0.16 20.68 -10.39
C TYR A 101 1.08 20.80 -11.60
N LEU A 102 1.19 19.74 -12.41
CA LEU A 102 2.02 19.80 -13.61
C LEU A 102 1.48 20.81 -14.60
N PHE A 103 0.16 20.87 -14.77
CA PHE A 103 -0.43 21.85 -15.66
C PHE A 103 -0.24 23.27 -15.14
N SER A 104 -0.40 23.47 -13.83
CA SER A 104 -0.29 24.80 -13.25
C SER A 104 1.15 25.24 -13.03
N SER A 105 2.14 24.37 -13.23
CA SER A 105 3.54 24.71 -13.08
C SER A 105 4.18 25.10 -14.41
N PHE A 106 3.39 25.29 -15.46
CA PHE A 106 3.91 25.71 -16.75
C PHE A 106 3.85 27.22 -16.89
N THR A 107 4.56 27.94 -16.02
CA THR A 107 4.56 29.40 -16.06
C THR A 107 5.84 29.89 -15.40
N THR A 108 6.15 31.17 -15.65
CA THR A 108 7.37 31.77 -15.12
C THR A 108 7.22 32.21 -13.67
N GLU A 109 6.01 32.27 -13.15
CA GLU A 109 5.76 32.67 -11.76
C GLU A 109 4.91 31.59 -11.10
N LEU A 110 5.53 30.82 -10.21
CA LEU A 110 4.80 29.74 -9.54
C LEU A 110 3.76 30.32 -8.58
N PRO A 111 2.59 29.69 -8.47
CA PRO A 111 1.52 30.29 -7.66
C PRO A 111 1.66 30.06 -6.15
N TRP A 112 2.46 29.10 -5.72
CA TRP A 112 2.61 28.79 -4.30
C TRP A 112 3.78 29.54 -3.67
N ILE A 113 3.81 30.87 -3.84
CA ILE A 113 4.97 31.68 -3.46
C ILE A 113 4.61 32.72 -2.40
N HIS A 114 3.61 33.57 -2.70
CA HIS A 114 3.33 34.75 -1.88
C HIS A 114 1.85 34.81 -1.54
N CYS A 115 1.52 35.68 -0.58
CA CYS A 115 0.15 35.84 -0.07
C CYS A 115 -0.50 37.05 -0.72
N ASN A 116 -0.75 36.98 -2.03
CA ASN A 116 -1.53 37.96 -2.78
C ASN A 116 -2.58 37.38 -3.71
N ASN A 117 -2.76 36.08 -3.73
CA ASN A 117 -3.72 35.49 -4.65
C ASN A 117 -5.13 35.54 -4.06
N SER A 118 -6.11 35.32 -4.93
CA SER A 118 -7.51 35.41 -4.52
C SER A 118 -7.90 34.33 -3.52
N TRP A 119 -7.10 33.28 -3.39
CA TRP A 119 -7.40 32.18 -2.49
C TRP A 119 -6.69 32.30 -1.15
N ASN A 120 -6.38 33.51 -0.73
CA ASN A 120 -5.63 33.75 0.49
C ASN A 120 -6.53 34.33 1.57
N SER A 121 -6.04 34.28 2.81
CA SER A 121 -6.76 34.73 3.98
C SER A 121 -5.90 35.69 4.78
N PRO A 122 -6.52 36.54 5.61
CA PRO A 122 -5.72 37.42 6.49
C PRO A 122 -4.77 36.67 7.41
N ASN A 123 -4.90 35.35 7.53
CA ASN A 123 -3.99 34.58 8.37
C ASN A 123 -2.72 34.16 7.65
N CYS A 124 -2.56 34.53 6.39
CA CYS A 124 -1.36 34.14 5.64
C CYS A 124 -0.14 34.87 6.19
N SER A 125 0.95 34.12 6.37
CA SER A 125 2.22 34.73 6.85
C SER A 125 3.33 34.54 5.82
N ASP A 126 3.89 35.63 5.28
CA ASP A 126 5.02 35.55 4.35
C ASP A 126 6.28 35.48 5.20
N ALA A 127 6.90 34.31 5.34
CA ALA A 127 8.03 34.17 6.28
C ALA A 127 7.70 34.92 7.56
N GLY A 144 0.18 31.49 11.76
CA GLY A 144 -0.79 31.58 10.68
C GLY A 144 -0.72 30.37 9.77
N THR A 145 -0.57 30.60 8.47
CA THR A 145 -0.45 29.52 7.51
C THR A 145 0.56 29.92 6.44
N THR A 146 1.17 28.91 5.82
CA THR A 146 2.15 29.13 4.77
C THR A 146 1.46 29.34 3.42
N PRO A 147 2.10 30.05 2.50
CA PRO A 147 1.53 30.18 1.16
C PRO A 147 1.33 28.87 0.43
N ALA A 148 2.21 27.88 0.64
CA ALA A 148 2.07 26.61 -0.05
C ALA A 148 0.88 25.82 0.47
N ALA A 149 0.74 25.73 1.79
CA ALA A 149 -0.41 25.03 2.37
C ALA A 149 -1.71 25.75 2.04
N GLU A 150 -1.70 27.08 2.10
CA GLU A 150 -2.88 27.85 1.74
C GLU A 150 -3.26 27.63 0.29
N TYR A 151 -2.28 27.62 -0.61
CA TYR A 151 -2.56 27.32 -2.01
C TYR A 151 -3.18 25.94 -2.16
N PHE A 152 -2.56 24.92 -1.57
CA PHE A 152 -3.04 23.56 -1.74
C PHE A 152 -4.46 23.40 -1.21
N GLU A 153 -4.77 24.04 -0.09
CA GLU A 153 -6.06 23.83 0.56
C GLU A 153 -7.12 24.84 0.14
N ARG A 154 -6.78 25.88 -0.63
CA ARG A 154 -7.75 26.91 -0.97
C ARG A 154 -7.81 27.29 -2.43
N GLY A 155 -6.91 26.80 -3.29
CA GLY A 155 -6.95 27.13 -4.69
C GLY A 155 -6.89 25.90 -5.55
N VAL A 156 -6.70 24.75 -4.91
CA VAL A 156 -6.73 23.45 -5.57
C VAL A 156 -7.85 22.57 -5.02
N LEU A 157 -7.95 22.47 -3.71
CA LEU A 157 -8.95 21.61 -3.07
C LEU A 157 -10.25 22.34 -2.77
N HIS A 158 -10.19 23.65 -2.51
CA HIS A 158 -11.35 24.44 -2.09
C HIS A 158 -12.00 23.82 -0.84
N LEU A 159 -11.17 23.42 0.11
CA LEU A 159 -11.66 22.76 1.32
C LEU A 159 -12.40 23.71 2.25
N HIS A 160 -12.17 25.02 2.14
CA HIS A 160 -12.80 25.95 3.06
C HIS A 160 -14.30 26.12 2.82
N GLN A 161 -14.84 25.52 1.75
CA GLN A 161 -16.25 25.65 1.42
C GLN A 161 -17.07 24.43 1.82
N SER A 162 -16.51 23.52 2.61
CA SER A 162 -17.22 22.36 3.10
C SER A 162 -17.15 22.31 4.62
N HIS A 163 -18.29 22.09 5.27
CA HIS A 163 -18.31 22.01 6.72
C HIS A 163 -17.65 20.72 7.21
N GLY A 164 -17.88 19.61 6.52
CA GLY A 164 -17.29 18.36 6.94
C GLY A 164 -17.62 17.26 5.95
N ILE A 165 -17.52 16.02 6.43
CA ILE A 165 -17.88 14.87 5.60
C ILE A 165 -19.37 14.84 5.30
N ASP A 166 -20.18 15.53 6.12
CA ASP A 166 -21.62 15.60 5.84
C ASP A 166 -21.89 16.52 4.66
N ASP A 167 -21.24 17.68 4.62
CA ASP A 167 -21.45 18.68 3.57
C ASP A 167 -20.31 18.56 2.57
N LEU A 168 -20.57 17.88 1.45
CA LEU A 168 -19.55 17.65 0.43
C LEU A 168 -19.60 18.70 -0.67
N GLY A 169 -20.75 18.83 -1.34
CA GLY A 169 -20.88 19.76 -2.44
C GLY A 169 -20.64 19.11 -3.79
N PRO A 170 -20.99 19.81 -4.86
CA PRO A 170 -20.80 19.24 -6.21
C PRO A 170 -19.34 19.14 -6.57
N PRO A 171 -18.98 18.24 -7.48
CA PRO A 171 -17.57 18.08 -7.85
C PRO A 171 -17.05 19.28 -8.62
N ARG A 172 -15.73 19.47 -8.55
CA ARG A 172 -15.07 20.54 -9.28
C ARG A 172 -14.74 20.08 -10.69
N TRP A 173 -14.87 21.00 -11.65
CA TRP A 173 -14.70 20.61 -13.05
C TRP A 173 -13.23 20.47 -13.44
N GLN A 174 -12.33 21.22 -12.79
CA GLN A 174 -10.91 21.09 -13.11
C GLN A 174 -10.37 19.73 -12.67
N LEU A 175 -10.64 19.34 -11.43
CA LEU A 175 -10.21 18.03 -10.97
C LEU A 175 -10.94 16.91 -11.68
N THR A 176 -12.20 17.15 -12.10
CA THR A 176 -12.90 16.15 -12.90
C THR A 176 -12.25 15.96 -14.26
N ALA A 177 -11.81 17.04 -14.90
CA ALA A 177 -11.10 16.92 -16.17
C ALA A 177 -9.78 16.19 -15.97
N CYS A 178 -9.06 16.50 -14.89
CA CYS A 178 -7.81 15.79 -14.61
C CYS A 178 -8.08 14.31 -14.39
N LEU A 179 -9.16 13.97 -13.68
CA LEU A 179 -9.50 12.57 -13.44
C LEU A 179 -9.85 11.85 -14.74
N VAL A 180 -10.59 12.52 -15.63
CA VAL A 180 -10.93 11.91 -16.92
C VAL A 180 -9.66 11.64 -17.72
N LEU A 181 -8.73 12.61 -17.73
CA LEU A 181 -7.47 12.40 -18.42
C LEU A 181 -6.70 11.23 -17.83
N VAL A 182 -6.65 11.14 -16.50
CA VAL A 182 -5.96 10.03 -15.84
C VAL A 182 -6.60 8.71 -16.22
N ILE A 183 -7.93 8.65 -16.22
CA ILE A 183 -8.62 7.40 -16.52
C ILE A 183 -8.37 6.97 -17.96
N VAL A 184 -8.44 7.90 -18.92
CA VAL A 184 -8.24 7.50 -20.31
C VAL A 184 -6.79 7.10 -20.56
N LEU A 185 -5.85 7.81 -19.94
CA LEU A 185 -4.44 7.44 -20.08
C LEU A 185 -4.17 6.07 -19.49
N LEU A 186 -4.73 5.78 -18.31
CA LEU A 186 -4.56 4.47 -17.69
C LEU A 186 -5.18 3.37 -18.54
N TYR A 187 -6.39 3.60 -19.06
CA TYR A 187 -7.04 2.58 -19.86
C TYR A 187 -6.28 2.30 -21.14
N PHE A 188 -5.80 3.34 -21.81
CA PHE A 188 -5.08 3.14 -23.07
C PHE A 188 -3.64 2.67 -22.86
N SER A 189 -3.09 2.82 -21.65
CA SER A 189 -1.79 2.24 -21.35
C SER A 189 -1.90 0.83 -20.78
N LEU A 190 -3.11 0.41 -20.39
CA LEU A 190 -3.33 -0.90 -19.80
C LEU A 190 -3.85 -1.90 -20.83
N TRP A 202 15.82 2.91 -18.56
CA TRP A 202 16.45 3.58 -19.72
C TRP A 202 16.32 5.08 -19.47
N ILE A 203 15.10 5.61 -19.40
CA ILE A 203 14.91 7.05 -19.07
C ILE A 203 13.92 7.13 -17.91
N THR A 204 12.84 6.36 -17.99
CA THR A 204 11.81 6.43 -16.96
C THR A 204 12.29 5.87 -15.63
N ALA A 205 13.09 4.80 -15.65
CA ALA A 205 13.48 4.11 -14.43
C ALA A 205 14.60 4.82 -13.66
N THR A 206 15.24 5.83 -14.24
CA THR A 206 16.33 6.54 -13.57
C THR A 206 16.02 7.99 -13.26
N MET A 207 14.93 8.55 -13.75
CA MET A 207 14.55 9.92 -13.39
C MET A 207 14.30 10.09 -11.90
N PRO A 208 13.56 9.20 -11.21
CA PRO A 208 13.37 9.40 -9.76
C PRO A 208 14.66 9.48 -8.99
N TYR A 209 15.66 8.67 -9.33
CA TYR A 209 16.91 8.70 -8.59
C TYR A 209 17.62 10.03 -8.72
N VAL A 210 17.69 10.57 -9.95
CA VAL A 210 18.35 11.86 -10.16
C VAL A 210 17.59 12.98 -9.45
N VAL A 211 16.26 13.00 -9.57
CA VAL A 211 15.48 14.06 -8.93
C VAL A 211 15.64 14.00 -7.41
N LEU A 212 15.55 12.80 -6.84
CA LEU A 212 15.67 12.65 -5.40
C LEU A 212 17.07 12.98 -4.92
N THR A 213 18.10 12.66 -5.71
CA THR A 213 19.45 13.02 -5.33
C THR A 213 19.64 14.53 -5.30
N ALA A 214 19.10 15.23 -6.31
CA ALA A 214 19.20 16.69 -6.31
C ALA A 214 18.49 17.28 -5.10
N LEU A 215 17.28 16.78 -4.81
CA LEU A 215 16.53 17.30 -3.67
C LEU A 215 17.25 16.99 -2.35
N LEU A 216 17.85 15.80 -2.23
CA LEU A 216 18.55 15.43 -1.00
C LEU A 216 19.77 16.33 -0.78
N LEU A 217 20.55 16.56 -1.84
CA LEU A 217 21.71 17.43 -1.70
C LEU A 217 21.28 18.84 -1.31
N ARG A 218 20.24 19.38 -1.96
CA ARG A 218 19.78 20.72 -1.63
C ARG A 218 19.30 20.80 -0.18
N GLY A 219 18.53 19.81 0.26
CA GLY A 219 18.06 19.82 1.63
C GLY A 219 19.16 19.69 2.65
N VAL A 220 20.20 18.92 2.33
CA VAL A 220 21.34 18.80 3.23
C VAL A 220 22.07 20.13 3.37
N THR A 221 22.31 20.83 2.25
CA THR A 221 23.05 22.09 2.33
C THR A 221 22.14 23.30 2.57
N LEU A 222 21.31 23.22 3.61
CA LEU A 222 20.37 24.27 3.95
C LEU A 222 20.46 24.60 5.42
N PRO A 223 20.20 25.86 5.81
CA PRO A 223 20.24 26.22 7.23
C PRO A 223 19.05 25.66 7.99
N GLY A 224 19.33 25.04 9.13
CA GLY A 224 18.30 24.45 9.95
C GLY A 224 17.95 23.01 9.64
N ALA A 225 18.70 22.36 8.76
CA ALA A 225 18.42 20.97 8.42
C ALA A 225 18.89 20.01 9.50
N ILE A 226 19.91 20.41 10.28
CA ILE A 226 20.45 19.52 11.30
C ILE A 226 19.42 19.26 12.40
N ASP A 227 18.58 20.25 12.72
CA ASP A 227 17.50 20.03 13.66
C ASP A 227 16.47 19.02 13.14
N GLY A 228 16.14 19.09 11.85
CA GLY A 228 15.19 18.16 11.27
C GLY A 228 15.76 16.76 11.11
N ILE A 229 17.08 16.65 11.07
CA ILE A 229 17.72 15.34 11.05
C ILE A 229 17.83 14.76 12.46
N ARG A 230 18.12 15.61 13.45
CA ARG A 230 18.13 15.17 14.84
C ARG A 230 16.74 14.71 15.27
N ALA A 231 15.69 15.44 14.86
CA ALA A 231 14.33 15.00 15.15
C ALA A 231 13.97 13.73 14.40
N TYR A 232 14.73 13.37 13.36
CA TYR A 232 14.47 12.15 12.62
C TYR A 232 15.14 10.95 13.27
N LEU A 233 16.41 11.09 13.63
CA LEU A 233 17.17 10.00 14.27
C LEU A 233 17.17 10.15 15.78
N SER A 234 15.99 10.05 16.37
CA SER A 234 15.84 10.10 17.83
C SER A 234 14.55 9.40 18.20
N VAL A 235 14.66 8.38 19.05
CA VAL A 235 13.53 7.52 19.39
C VAL A 235 12.92 7.99 20.70
N ASP A 236 11.60 8.15 20.70
CA ASP A 236 10.84 8.51 21.90
C ASP A 236 10.17 7.25 22.42
N PHE A 237 10.54 6.83 23.63
CA PHE A 237 10.04 5.57 24.18
C PHE A 237 8.58 5.69 24.61
N TYR A 238 8.09 6.91 24.85
CA TYR A 238 6.71 7.09 25.31
C TYR A 238 5.71 6.68 24.24
N ARG A 239 6.04 6.87 22.96
CA ARG A 239 5.13 6.47 21.90
C ARG A 239 5.24 4.99 21.54
N LEU A 240 6.31 4.31 21.98
CA LEU A 240 6.46 2.90 21.68
C LEU A 240 5.50 2.03 22.48
N CYS A 241 4.96 2.55 23.58
CA CYS A 241 4.01 1.83 24.40
C CYS A 241 2.57 1.98 23.90
N GLU A 242 2.36 2.72 22.83
CA GLU A 242 1.05 2.88 22.22
C GLU A 242 0.81 1.75 21.23
N ALA A 243 -0.24 1.87 20.42
CA ALA A 243 -0.56 0.88 19.41
C ALA A 243 -0.65 1.44 18.00
N SER A 244 -0.90 2.74 17.85
CA SER A 244 -1.05 3.33 16.53
C SER A 244 0.22 3.17 15.70
N VAL A 245 1.38 3.37 16.34
CA VAL A 245 2.63 3.31 15.58
C VAL A 245 2.93 1.88 15.13
N TRP A 246 2.63 0.89 15.97
CA TRP A 246 2.81 -0.50 15.58
C TRP A 246 1.88 -0.87 14.43
N ILE A 247 0.62 -0.45 14.51
CA ILE A 247 -0.32 -0.74 13.43
C ILE A 247 0.12 -0.07 12.13
N ASP A 248 0.58 1.19 12.23
CA ASP A 248 1.02 1.91 11.04
C ASP A 248 2.23 1.24 10.40
N ALA A 249 3.21 0.82 11.21
CA ALA A 249 4.37 0.14 10.66
C ALA A 249 4.00 -1.18 10.01
N ALA A 250 3.13 -1.95 10.67
CA ALA A 250 2.70 -3.23 10.11
C ALA A 250 2.00 -3.04 8.77
N THR A 251 1.11 -2.05 8.68
CA THR A 251 0.41 -1.82 7.41
C THR A 251 1.35 -1.29 6.34
N GLN A 252 2.29 -0.41 6.72
CA GLN A 252 3.19 0.17 5.74
C GLN A 252 4.15 -0.86 5.17
N VAL A 253 4.58 -1.84 5.97
CA VAL A 253 5.46 -2.88 5.45
C VAL A 253 4.76 -3.64 4.32
N CYS A 254 3.52 -4.04 4.55
CA CYS A 254 2.75 -4.74 3.51
C CYS A 254 2.50 -3.84 2.31
N PHE A 255 2.20 -2.56 2.55
CA PHE A 255 1.92 -1.64 1.44
C PHE A 255 3.15 -1.44 0.57
N SER A 256 4.33 -1.38 1.17
CA SER A 256 5.56 -1.14 0.42
C SER A 256 6.04 -2.40 -0.28
N LEU A 257 6.11 -3.53 0.43
CA LEU A 257 6.65 -4.74 -0.17
C LEU A 257 5.74 -5.29 -1.26
N GLY A 258 4.43 -5.08 -1.12
CA GLY A 258 3.47 -5.58 -2.09
C GLY A 258 2.74 -6.84 -1.69
N VAL A 259 2.97 -7.35 -0.49
CA VAL A 259 2.27 -8.54 -0.02
C VAL A 259 0.88 -8.17 0.47
N GLY A 260 -0.04 -9.13 0.41
CA GLY A 260 -1.41 -8.91 0.82
C GLY A 260 -2.33 -8.37 -0.24
N PHE A 261 -1.84 -8.16 -1.46
CA PHE A 261 -2.65 -7.66 -2.55
C PHE A 261 -2.92 -8.69 -3.65
N GLY A 262 -2.20 -9.80 -3.64
CA GLY A 262 -2.40 -10.83 -4.65
C GLY A 262 -1.71 -10.58 -5.96
N VAL A 263 -0.80 -9.60 -6.04
CA VAL A 263 -0.13 -9.29 -7.30
C VAL A 263 1.21 -10.02 -7.37
N LEU A 264 1.80 -10.32 -6.22
CA LEU A 264 3.06 -11.05 -6.21
C LEU A 264 2.88 -12.46 -6.77
N ILE A 265 1.78 -13.13 -6.39
CA ILE A 265 1.51 -14.47 -6.89
C ILE A 265 1.29 -14.45 -8.40
N ALA A 266 0.49 -13.49 -8.87
CA ALA A 266 0.22 -13.38 -10.30
C ALA A 266 1.50 -13.09 -11.09
N PHE A 267 2.34 -12.21 -10.58
CA PHE A 267 3.60 -11.92 -11.25
C PHE A 267 4.51 -13.13 -11.25
N SER A 268 4.62 -13.84 -10.13
CA SER A 268 5.51 -14.99 -10.03
C SER A 268 4.98 -16.20 -10.79
N SER A 269 3.72 -16.17 -11.23
CA SER A 269 3.20 -17.27 -12.04
C SER A 269 4.00 -17.47 -13.33
N TYR A 270 4.72 -16.45 -13.80
CA TYR A 270 5.52 -16.56 -15.01
C TYR A 270 7.02 -16.49 -14.74
N ASN A 271 7.45 -16.76 -13.52
CA ASN A 271 8.87 -16.60 -13.16
C ASN A 271 9.65 -17.90 -13.36
N LYS A 272 9.55 -18.48 -14.54
CA LYS A 272 10.27 -19.71 -14.90
C LYS A 272 9.97 -20.78 -13.85
N PHE A 273 10.89 -21.72 -13.67
CA PHE A 273 10.82 -22.72 -12.60
C PHE A 273 12.11 -22.81 -11.80
N THR A 274 13.26 -22.63 -12.43
CA THR A 274 14.56 -22.76 -11.78
C THR A 274 15.02 -21.47 -11.10
N ASN A 275 14.36 -20.35 -11.36
CA ASN A 275 14.72 -19.09 -10.73
C ASN A 275 14.60 -19.20 -9.21
N ASN A 276 15.61 -18.70 -8.51
CA ASN A 276 15.62 -18.76 -7.06
C ASN A 276 14.93 -17.53 -6.47
N CYS A 277 14.32 -17.73 -5.30
CA CYS A 277 13.47 -16.73 -4.70
C CYS A 277 14.09 -16.01 -3.51
N TYR A 278 14.96 -16.68 -2.75
CA TYR A 278 15.53 -16.04 -1.57
C TYR A 278 16.50 -14.93 -1.95
N ARG A 279 17.30 -15.15 -3.00
CA ARG A 279 18.19 -14.10 -3.46
C ARG A 279 17.42 -12.89 -3.98
N ASP A 280 16.29 -13.11 -4.65
CA ASP A 280 15.45 -12.00 -5.07
C ASP A 280 14.87 -11.26 -3.86
N ALA A 281 14.36 -12.00 -2.88
CA ALA A 281 13.73 -11.39 -1.72
C ALA A 281 14.71 -10.55 -0.92
N ILE A 282 15.92 -11.04 -0.69
CA ILE A 282 16.89 -10.31 0.11
C ILE A 282 17.23 -8.97 -0.54
N VAL A 283 17.55 -9.00 -1.83
CA VAL A 283 17.91 -7.77 -2.54
C VAL A 283 16.75 -6.80 -2.59
N THR A 284 15.54 -7.31 -2.87
CA THR A 284 14.37 -6.44 -2.93
C THR A 284 14.14 -5.75 -1.59
N THR A 285 14.19 -6.51 -0.50
CA THR A 285 13.97 -5.94 0.82
C THR A 285 15.02 -4.88 1.15
N SER A 286 16.29 -5.19 0.88
CA SER A 286 17.36 -4.24 1.20
C SER A 286 17.18 -2.93 0.44
N ILE A 287 16.94 -3.02 -0.87
CA ILE A 287 16.83 -1.82 -1.68
C ILE A 287 15.59 -1.01 -1.28
N ASN A 288 14.48 -1.69 -1.00
CA ASN A 288 13.27 -1.00 -0.58
C ASN A 288 13.48 -0.24 0.73
N SER A 289 14.15 -0.88 1.69
CA SER A 289 14.42 -0.21 2.97
C SER A 289 15.32 1.00 2.77
N LEU A 290 16.36 0.87 1.95
CA LEU A 290 17.25 2.00 1.71
C LEU A 290 16.51 3.17 1.07
N THR A 291 15.65 2.89 0.08
CA THR A 291 14.90 3.95 -0.59
C THR A 291 13.96 4.65 0.39
N SER A 292 13.25 3.89 1.22
CA SER A 292 12.37 4.49 2.20
C SER A 292 13.13 5.38 3.17
N PHE A 293 14.28 4.91 3.65
CA PHE A 293 15.08 5.71 4.57
C PHE A 293 15.53 7.02 3.92
N SER A 294 15.97 6.96 2.66
CA SER A 294 16.40 8.18 1.97
C SER A 294 15.24 9.17 1.79
N SER A 295 14.06 8.66 1.43
CA SER A 295 12.91 9.55 1.26
C SER A 295 12.56 10.26 2.56
N GLY A 296 12.49 9.52 3.66
CA GLY A 296 12.22 10.13 4.95
C GLY A 296 13.29 11.15 5.33
N PHE A 297 14.55 10.83 5.04
CA PHE A 297 15.65 11.75 5.32
C PHE A 297 15.44 13.09 4.63
N VAL A 298 15.13 13.05 3.33
CA VAL A 298 14.93 14.29 2.58
C VAL A 298 13.77 15.09 3.14
N VAL A 299 12.64 14.41 3.36
CA VAL A 299 11.45 15.13 3.82
C VAL A 299 11.69 15.79 5.17
N PHE A 300 12.33 15.06 6.09
CA PHE A 300 12.55 15.63 7.42
C PHE A 300 13.58 16.74 7.41
N SER A 301 14.60 16.66 6.54
CA SER A 301 15.54 17.76 6.42
C SER A 301 14.84 19.05 5.98
N PHE A 302 13.98 18.94 4.97
CA PHE A 302 13.26 20.14 4.52
C PHE A 302 12.27 20.62 5.59
N LEU A 303 11.66 19.70 6.33
CA LEU A 303 10.78 20.09 7.43
C LEU A 303 11.53 20.90 8.48
N GLY A 304 12.74 20.45 8.85
CA GLY A 304 13.54 21.19 9.80
C GLY A 304 13.92 22.57 9.30
N TYR A 305 14.29 22.67 8.01
CA TYR A 305 14.60 23.97 7.44
C TYR A 305 13.41 24.92 7.53
N MET A 306 12.23 24.45 7.13
CA MET A 306 11.07 25.33 7.14
C MET A 306 10.67 25.70 8.56
N ALA A 307 10.79 24.78 9.51
CA ALA A 307 10.50 25.09 10.90
C ALA A 307 11.43 26.18 11.42
N GLN A 308 12.71 26.11 11.08
CA GLN A 308 13.64 27.17 11.47
C GLN A 308 13.25 28.50 10.81
N LYS A 309 12.84 28.44 9.54
CA LYS A 309 12.49 29.68 8.82
C LYS A 309 11.27 30.36 9.44
N HIS A 310 10.24 29.60 9.79
CA HIS A 310 8.98 30.16 10.25
C HIS A 310 8.93 30.35 11.76
N SER A 311 10.00 30.04 12.48
CA SER A 311 10.07 30.21 13.93
C SER A 311 8.96 29.43 14.65
N VAL A 312 8.78 28.18 14.22
CA VAL A 312 7.80 27.29 14.83
C VAL A 312 8.48 25.94 15.08
N PRO A 313 8.03 25.16 16.06
CA PRO A 313 8.59 23.81 16.24
C PRO A 313 8.24 22.92 15.06
N ILE A 314 9.07 21.87 14.90
CA ILE A 314 8.92 20.97 13.76
C ILE A 314 7.55 20.28 13.79
N GLY A 315 6.98 20.08 14.97
CA GLY A 315 5.70 19.43 15.09
C GLY A 315 4.50 20.30 14.80
N ASP A 316 4.70 21.59 14.50
CA ASP A 316 3.61 22.51 14.21
C ASP A 316 3.70 23.12 12.83
N VAL A 317 4.59 22.61 11.98
CA VAL A 317 4.78 23.20 10.66
C VAL A 317 3.57 22.93 9.76
N ALA A 318 3.08 21.70 9.76
CA ALA A 318 1.96 21.31 8.91
C ALA A 318 1.11 20.29 9.64
N LYS A 319 0.03 19.87 8.99
CA LYS A 319 -0.85 18.85 9.55
C LYS A 319 -0.40 17.46 9.11
N ASP A 320 -0.66 16.47 9.96
CA ASP A 320 -0.32 15.08 9.67
C ASP A 320 -1.38 14.47 8.76
N GLY A 321 -1.48 15.01 7.56
CA GLY A 321 -2.47 14.58 6.61
C GLY A 321 -1.85 13.94 5.39
N PRO A 322 -2.69 13.29 4.57
CA PRO A 322 -2.15 12.61 3.37
C PRO A 322 -1.49 13.54 2.38
N GLY A 323 -1.83 14.83 2.37
CA GLY A 323 -1.25 15.75 1.41
C GLY A 323 -0.04 16.49 1.94
N LEU A 324 0.83 15.80 2.67
CA LEU A 324 2.00 16.45 3.24
C LEU A 324 3.04 16.78 2.19
N ILE A 325 3.27 15.86 1.24
CA ILE A 325 4.28 16.09 0.22
C ILE A 325 3.87 17.23 -0.70
N PHE A 326 2.57 17.38 -0.97
CA PHE A 326 2.08 18.45 -1.83
C PHE A 326 2.22 19.82 -1.19
N ILE A 327 2.56 19.88 0.10
CA ILE A 327 2.92 21.13 0.76
C ILE A 327 4.42 21.26 0.94
N ILE A 328 5.11 20.14 1.19
CA ILE A 328 6.54 20.17 1.48
C ILE A 328 7.33 20.45 0.20
N TYR A 329 7.02 19.75 -0.88
CA TYR A 329 7.89 19.74 -2.06
C TYR A 329 7.83 21.01 -2.90
N PRO A 330 6.67 21.68 -3.05
CA PRO A 330 6.70 22.98 -3.75
C PRO A 330 7.65 23.99 -3.13
N GLU A 331 7.74 24.06 -1.80
CA GLU A 331 8.69 25.00 -1.18
C GLU A 331 10.13 24.59 -1.44
N ALA A 332 10.42 23.29 -1.38
CA ALA A 332 11.76 22.79 -1.67
C ALA A 332 12.15 23.09 -3.11
N ILE A 333 11.20 23.00 -4.04
CA ILE A 333 11.47 23.37 -5.42
C ILE A 333 11.67 24.88 -5.54
N ALA A 334 10.90 25.65 -4.77
CA ALA A 334 11.04 27.11 -4.82
C ALA A 334 12.40 27.57 -4.35
N THR A 335 12.99 26.88 -3.39
CA THR A 335 14.33 27.26 -2.91
C THR A 335 15.45 26.78 -3.81
N LEU A 336 15.14 26.38 -5.05
CA LEU A 336 16.08 25.79 -6.00
C LEU A 336 16.18 26.66 -7.26
N PRO A 337 17.37 26.80 -7.83
CA PRO A 337 17.51 27.65 -9.03
C PRO A 337 16.72 27.08 -10.22
N LEU A 338 16.14 27.98 -11.01
CA LEU A 338 15.29 27.62 -12.14
C LEU A 338 14.16 26.70 -11.68
N SER A 339 13.33 27.23 -10.79
CA SER A 339 12.37 26.39 -10.08
C SER A 339 11.30 25.82 -10.99
N SER A 340 11.00 26.48 -12.10
CA SER A 340 9.93 26.01 -12.98
C SER A 340 10.29 24.68 -13.65
N ALA A 341 11.52 24.58 -14.16
CA ALA A 341 11.95 23.33 -14.79
C ALA A 341 11.97 22.19 -13.80
N TRP A 342 12.47 22.43 -12.60
CA TRP A 342 12.50 21.40 -11.57
C TRP A 342 11.10 20.96 -11.20
N ALA A 343 10.17 21.91 -11.09
CA ALA A 343 8.79 21.57 -10.79
C ALA A 343 8.18 20.68 -11.86
N VAL A 344 8.40 21.04 -13.13
CA VAL A 344 7.85 20.24 -14.23
C VAL A 344 8.42 18.83 -14.19
N VAL A 345 9.73 18.71 -14.00
CA VAL A 345 10.36 17.39 -13.98
C VAL A 345 9.84 16.55 -12.81
N PHE A 346 9.73 17.17 -11.62
CA PHE A 346 9.28 16.44 -10.45
C PHE A 346 7.86 15.92 -10.63
N PHE A 347 6.97 16.75 -11.18
CA PHE A 347 5.60 16.31 -11.30
C PHE A 347 5.41 15.32 -12.45
N ILE A 348 6.24 15.39 -13.49
CA ILE A 348 6.25 14.34 -14.51
C ILE A 348 6.66 13.01 -13.88
N MET A 349 7.69 13.03 -13.03
CA MET A 349 8.13 11.81 -12.35
C MET A 349 7.02 11.23 -11.48
N LEU A 350 6.35 12.10 -10.71
CA LEU A 350 5.28 11.63 -9.83
C LEU A 350 4.12 11.04 -10.63
N LEU A 351 3.76 11.67 -11.74
CA LEU A 351 2.70 11.14 -12.60
C LEU A 351 3.07 9.77 -13.14
N THR A 352 4.31 9.59 -13.58
CA THR A 352 4.73 8.29 -14.11
C THR A 352 4.67 7.21 -13.03
N LEU A 353 5.13 7.53 -11.81
CA LEU A 353 5.08 6.56 -10.72
C LEU A 353 3.65 6.14 -10.42
N GLY A 354 2.74 7.12 -10.32
CA GLY A 354 1.35 6.80 -10.04
C GLY A 354 0.72 5.95 -11.14
N ILE A 355 1.02 6.28 -12.40
CA ILE A 355 0.47 5.51 -13.50
C ILE A 355 0.96 4.07 -13.45
N ASP A 356 2.24 3.87 -13.16
CA ASP A 356 2.78 2.51 -13.07
C ASP A 356 2.05 1.70 -11.99
N SER A 357 1.93 2.27 -10.79
CA SER A 357 1.30 1.53 -9.69
C SER A 357 -0.17 1.22 -10.00
N ALA A 358 -0.89 2.21 -10.53
CA ALA A 358 -2.31 1.98 -10.84
C ALA A 358 -2.48 0.93 -11.92
N MET A 359 -1.62 0.95 -12.95
CA MET A 359 -1.67 -0.07 -13.99
C MET A 359 -1.47 -1.45 -13.40
N GLY A 360 -0.46 -1.59 -12.53
CA GLY A 360 -0.21 -2.89 -11.93
C GLY A 360 -1.40 -3.43 -11.15
N GLY A 361 -1.97 -2.58 -10.29
CA GLY A 361 -3.11 -3.02 -9.48
C GLY A 361 -4.32 -3.38 -10.31
N MET A 362 -4.68 -2.52 -11.27
CA MET A 362 -5.85 -2.80 -12.09
C MET A 362 -5.66 -4.03 -12.95
N GLU A 363 -4.45 -4.22 -13.50
CA GLU A 363 -4.18 -5.40 -14.30
C GLU A 363 -4.33 -6.67 -13.47
N SER A 364 -3.79 -6.66 -12.24
CA SER A 364 -3.93 -7.84 -11.39
C SER A 364 -5.40 -8.14 -11.11
N VAL A 365 -6.17 -7.10 -10.77
CA VAL A 365 -7.59 -7.32 -10.45
C VAL A 365 -8.33 -7.91 -11.64
N ILE A 366 -8.17 -7.29 -12.81
CA ILE A 366 -8.90 -7.74 -13.99
C ILE A 366 -8.49 -9.16 -14.38
N THR A 367 -7.19 -9.45 -14.37
CA THR A 367 -6.72 -10.78 -14.73
C THR A 367 -7.26 -11.83 -13.78
N GLY A 368 -7.23 -11.56 -12.47
CA GLY A 368 -7.77 -12.52 -11.52
C GLY A 368 -9.25 -12.77 -11.72
N LEU A 369 -10.04 -11.71 -11.90
CA LEU A 369 -11.47 -11.89 -12.09
C LEU A 369 -11.78 -12.63 -13.38
N ILE A 370 -11.05 -12.33 -14.46
CA ILE A 370 -11.26 -13.01 -15.73
C ILE A 370 -10.92 -14.49 -15.61
N ASP A 371 -9.80 -14.80 -14.96
CA ASP A 371 -9.38 -16.19 -14.84
C ASP A 371 -10.32 -16.99 -13.96
N GLU A 372 -10.84 -16.39 -12.88
CA GLU A 372 -11.67 -17.13 -11.96
C GLU A 372 -12.97 -17.59 -12.62
N PHE A 373 -13.60 -16.72 -13.39
CA PHE A 373 -14.89 -17.02 -14.01
C PHE A 373 -14.68 -17.26 -15.51
N GLN A 374 -15.06 -18.46 -15.98
CA GLN A 374 -14.92 -18.78 -17.39
C GLN A 374 -15.98 -18.09 -18.25
N LEU A 375 -17.00 -17.50 -17.64
CA LEU A 375 -18.02 -16.78 -18.42
C LEU A 375 -17.48 -15.46 -18.96
N LEU A 376 -16.72 -14.73 -18.14
CA LEU A 376 -16.16 -13.45 -18.55
C LEU A 376 -14.86 -13.65 -19.33
N HIS A 377 -14.89 -14.48 -20.37
CA HIS A 377 -13.68 -14.71 -21.15
C HIS A 377 -13.95 -14.42 -22.63
N ARG A 378 -15.18 -14.64 -23.07
CA ARG A 378 -15.57 -14.23 -24.41
C ARG A 378 -15.80 -12.73 -24.51
N HIS A 379 -15.96 -12.04 -23.38
CA HIS A 379 -16.21 -10.60 -23.34
C HIS A 379 -15.19 -9.99 -22.38
N ARG A 380 -14.02 -9.64 -22.92
CA ARG A 380 -12.92 -9.10 -22.13
C ARG A 380 -12.86 -7.58 -22.20
N GLU A 381 -12.97 -7.01 -23.40
CA GLU A 381 -12.91 -5.56 -23.54
C GLU A 381 -14.08 -4.89 -22.83
N LEU A 382 -15.28 -5.50 -22.94
CA LEU A 382 -16.44 -4.96 -22.25
C LEU A 382 -16.26 -5.00 -20.73
N PHE A 383 -15.72 -6.10 -20.21
CA PHE A 383 -15.48 -6.20 -18.77
C PHE A 383 -14.45 -5.18 -18.31
N THR A 384 -13.37 -4.99 -19.07
CA THR A 384 -12.37 -4.01 -18.69
C THR A 384 -12.95 -2.60 -18.72
N LEU A 385 -13.75 -2.28 -19.73
CA LEU A 385 -14.39 -0.97 -19.79
C LEU A 385 -15.35 -0.76 -18.63
N PHE A 386 -16.10 -1.80 -18.26
CA PHE A 386 -17.00 -1.69 -17.13
C PHE A 386 -16.24 -1.45 -15.83
N ILE A 387 -15.12 -2.16 -15.64
CA ILE A 387 -14.32 -1.96 -14.43
C ILE A 387 -13.77 -0.54 -14.38
N VAL A 388 -13.26 -0.04 -15.51
CA VAL A 388 -12.71 1.31 -15.55
C VAL A 388 -13.79 2.34 -15.25
N LEU A 389 -14.97 2.18 -15.86
CA LEU A 389 -16.06 3.11 -15.64
C LEU A 389 -16.51 3.11 -14.19
N ALA A 390 -16.62 1.93 -13.58
CA ALA A 390 -17.04 1.86 -12.18
C ALA A 390 -16.01 2.49 -11.27
N THR A 391 -14.71 2.27 -11.54
CA THR A 391 -13.67 2.89 -10.74
C THR A 391 -13.72 4.41 -10.84
N PHE A 392 -13.93 4.94 -12.05
CA PHE A 392 -14.05 6.39 -12.21
C PHE A 392 -15.25 6.92 -11.45
N LEU A 393 -16.39 6.25 -11.56
CA LEU A 393 -17.60 6.72 -10.89
C LEU A 393 -17.44 6.73 -9.39
N LEU A 394 -16.81 5.70 -8.84
CA LEU A 394 -16.65 5.62 -7.39
C LEU A 394 -15.49 6.47 -6.87
N SER A 395 -14.56 6.86 -7.73
CA SER A 395 -13.53 7.82 -7.36
C SER A 395 -13.95 9.26 -7.56
N LEU A 396 -15.09 9.49 -8.23
CA LEU A 396 -15.64 10.84 -8.34
C LEU A 396 -15.99 11.45 -6.99
N PHE A 397 -16.14 10.64 -5.95
CA PHE A 397 -16.53 11.14 -4.63
C PHE A 397 -15.47 12.00 -3.97
N CYS A 398 -14.19 11.79 -4.31
CA CYS A 398 -13.10 12.50 -3.66
C CYS A 398 -12.72 13.80 -4.37
N VAL A 399 -13.46 14.16 -5.43
CA VAL A 399 -13.19 15.38 -6.19
C VAL A 399 -14.01 16.57 -5.67
N THR A 400 -15.04 16.31 -4.86
CA THR A 400 -15.92 17.35 -4.36
C THR A 400 -15.16 18.30 -3.43
N ASN A 401 -15.87 19.30 -2.92
CA ASN A 401 -15.24 20.28 -2.02
C ASN A 401 -14.63 19.60 -0.81
N GLY A 402 -15.41 18.78 -0.11
CA GLY A 402 -14.91 18.05 1.04
C GLY A 402 -14.44 16.65 0.70
N GLY A 403 -13.62 16.52 -0.34
CA GLY A 403 -13.15 15.22 -0.75
C GLY A 403 -11.99 14.66 0.06
N ILE A 404 -11.25 15.53 0.74
CA ILE A 404 -10.13 15.06 1.56
C ILE A 404 -10.63 14.21 2.72
N TYR A 405 -11.85 14.47 3.20
CA TYR A 405 -12.41 13.64 4.27
C TYR A 405 -12.68 12.22 3.79
N VAL A 406 -13.27 12.09 2.59
CA VAL A 406 -13.51 10.76 2.03
C VAL A 406 -12.19 10.07 1.71
N PHE A 407 -11.20 10.84 1.24
CA PHE A 407 -9.87 10.27 1.00
C PHE A 407 -9.27 9.72 2.29
N THR A 408 -9.37 10.48 3.38
CA THR A 408 -8.82 10.04 4.66
C THR A 408 -9.55 8.81 5.16
N LEU A 409 -10.88 8.78 5.05
CA LEU A 409 -11.64 7.61 5.49
C LEU A 409 -11.24 6.37 4.71
N LEU A 410 -11.15 6.50 3.38
CA LEU A 410 -10.74 5.36 2.56
C LEU A 410 -9.33 4.90 2.91
N ASP A 411 -8.41 5.85 3.06
CA ASP A 411 -7.03 5.50 3.39
C ASP A 411 -6.96 4.77 4.72
N HIS A 412 -7.75 5.19 5.71
CA HIS A 412 -7.74 4.55 7.01
C HIS A 412 -8.35 3.16 6.96
N PHE A 413 -9.44 2.98 6.21
CA PHE A 413 -10.25 1.78 6.38
C PHE A 413 -10.16 0.74 5.27
N ALA A 414 -9.66 1.10 4.08
CA ALA A 414 -9.56 0.10 3.01
C ALA A 414 -8.49 -0.92 3.31
N ALA A 415 -7.31 -0.46 3.70
CA ALA A 415 -6.22 -1.33 4.14
C ALA A 415 -6.30 -1.49 5.66
N GLY A 416 -5.23 -2.04 6.26
CA GLY A 416 -5.16 -2.14 7.70
C GLY A 416 -5.59 -3.47 8.24
N THR A 417 -6.73 -3.48 8.95
CA THR A 417 -7.22 -4.71 9.56
C THR A 417 -7.50 -5.78 8.50
N SER A 418 -8.11 -5.38 7.38
CA SER A 418 -8.44 -6.34 6.34
C SER A 418 -7.19 -6.94 5.71
N ILE A 419 -6.19 -6.12 5.40
CA ILE A 419 -4.99 -6.64 4.75
C ILE A 419 -4.20 -7.51 5.71
N LEU A 420 -4.13 -7.13 6.99
CA LEU A 420 -3.43 -7.96 7.96
C LEU A 420 -4.16 -9.28 8.18
N PHE A 421 -5.48 -9.25 8.20
CA PHE A 421 -6.27 -10.48 8.34
C PHE A 421 -6.05 -11.41 7.15
N GLY A 422 -6.06 -10.86 5.93
CA GLY A 422 -5.81 -11.68 4.76
C GLY A 422 -4.42 -12.29 4.75
N VAL A 423 -3.41 -11.50 5.11
CA VAL A 423 -2.04 -12.01 5.16
C VAL A 423 -1.92 -13.11 6.22
N LEU A 424 -2.52 -12.89 7.39
CA LEU A 424 -2.47 -13.89 8.45
C LEU A 424 -3.16 -15.18 8.03
N ILE A 425 -4.30 -15.09 7.34
CA ILE A 425 -5.00 -16.28 6.90
C ILE A 425 -4.18 -17.02 5.85
N GLU A 426 -3.56 -16.29 4.92
CA GLU A 426 -2.72 -16.94 3.92
C GLU A 426 -1.55 -17.68 4.57
N ALA A 427 -0.88 -17.03 5.52
CA ALA A 427 0.24 -17.67 6.20
C ALA A 427 -0.20 -18.89 6.98
N ILE A 428 -1.31 -18.78 7.72
CA ILE A 428 -1.81 -19.89 8.52
C ILE A 428 -2.16 -21.07 7.62
N GLY A 429 -2.85 -20.80 6.51
CA GLY A 429 -3.15 -21.84 5.55
C GLY A 429 -1.89 -22.52 5.07
N VAL A 430 -1.03 -21.77 4.38
CA VAL A 430 0.14 -22.35 3.72
C VAL A 430 1.01 -23.12 4.72
N ALA A 431 1.17 -22.60 5.93
CA ALA A 431 2.03 -23.29 6.89
C ALA A 431 1.30 -24.46 7.55
N TRP A 432 0.27 -24.17 8.36
CA TRP A 432 -0.30 -25.21 9.21
C TRP A 432 -1.11 -26.22 8.40
N PHE A 433 -1.98 -25.74 7.51
CA PHE A 433 -2.89 -26.68 6.85
C PHE A 433 -2.23 -27.47 5.73
N TYR A 434 -1.04 -27.06 5.30
CA TYR A 434 -0.35 -27.71 4.18
C TYR A 434 0.91 -28.45 4.60
N GLY A 435 1.71 -27.90 5.51
CA GLY A 435 2.95 -28.53 5.89
C GLY A 435 4.15 -27.66 5.60
N VAL A 436 4.83 -27.21 6.64
CA VAL A 436 6.09 -26.50 6.45
C VAL A 436 7.12 -27.42 5.80
N GLY A 437 7.15 -28.69 6.23
CA GLY A 437 8.04 -29.64 5.59
C GLY A 437 7.70 -29.87 4.13
N GLN A 438 6.42 -29.92 3.79
CA GLN A 438 6.03 -30.12 2.40
C GLN A 438 6.35 -28.90 1.56
N PHE A 439 6.15 -27.69 2.11
CA PHE A 439 6.54 -26.48 1.39
C PHE A 439 8.04 -26.44 1.14
N SER A 440 8.83 -26.84 2.15
CA SER A 440 10.27 -26.88 1.98
C SER A 440 10.69 -27.92 0.96
N ASP A 441 10.02 -29.08 0.94
CA ASP A 441 10.33 -30.09 -0.06
C ASP A 441 10.00 -29.60 -1.47
N ASP A 442 8.87 -28.89 -1.61
CA ASP A 442 8.53 -28.31 -2.91
C ASP A 442 9.56 -27.29 -3.34
N ILE A 443 10.02 -26.45 -2.42
CA ILE A 443 11.04 -25.45 -2.76
C ILE A 443 12.35 -26.12 -3.14
N GLN A 444 12.73 -27.17 -2.43
CA GLN A 444 13.95 -27.90 -2.78
C GLN A 444 13.84 -28.53 -4.15
N GLN A 445 12.67 -29.10 -4.47
CA GLN A 445 12.46 -29.64 -5.81
C GLN A 445 12.54 -28.54 -6.87
N MET A 446 12.04 -27.35 -6.54
CA MET A 446 12.03 -26.26 -7.50
C MET A 446 13.44 -25.72 -7.78
N THR A 447 14.21 -25.47 -6.72
CA THR A 447 15.45 -24.71 -6.83
C THR A 447 16.71 -25.47 -6.42
N GLY A 448 16.60 -26.63 -5.80
CA GLY A 448 17.76 -27.41 -5.42
C GLY A 448 18.29 -27.15 -4.02
N GLN A 449 17.74 -26.17 -3.29
CA GLN A 449 18.14 -25.90 -1.93
C GLN A 449 16.90 -25.79 -1.05
N ARG A 450 16.86 -26.61 0.01
CA ARG A 450 15.76 -26.65 0.97
C ARG A 450 15.95 -25.58 2.02
N PRO A 451 14.91 -24.82 2.37
CA PRO A 451 15.07 -23.69 3.29
C PRO A 451 15.63 -24.11 4.65
N SER A 452 16.41 -23.22 5.25
CA SER A 452 17.03 -23.48 6.54
C SER A 452 15.99 -23.35 7.65
N LEU A 453 16.45 -23.48 8.90
CA LEU A 453 15.55 -23.49 10.04
C LEU A 453 14.97 -22.11 10.33
N TYR A 454 15.72 -21.06 10.00
CA TYR A 454 15.22 -19.70 10.25
C TYR A 454 13.93 -19.44 9.48
N TRP A 455 13.93 -19.75 8.19
CA TRP A 455 12.75 -19.53 7.37
C TRP A 455 11.56 -20.37 7.83
N ARG A 456 11.82 -21.64 8.15
CA ARG A 456 10.73 -22.53 8.57
C ARG A 456 10.12 -22.06 9.89
N LEU A 457 10.96 -21.68 10.86
CA LEU A 457 10.45 -21.19 12.13
C LEU A 457 9.68 -19.89 11.95
N CYS A 458 10.18 -18.98 11.10
CA CYS A 458 9.47 -17.74 10.86
C CYS A 458 8.12 -17.98 10.21
N TRP A 459 8.05 -18.91 9.25
CA TRP A 459 6.78 -19.23 8.61
C TRP A 459 5.82 -19.90 9.58
N LYS A 460 6.32 -20.72 10.50
CA LYS A 460 5.46 -21.52 11.35
C LYS A 460 4.94 -20.73 12.56
N LEU A 461 5.84 -20.10 13.31
CA LEU A 461 5.47 -19.57 14.62
C LEU A 461 5.69 -18.07 14.77
N VAL A 462 6.79 -17.53 14.26
CA VAL A 462 7.16 -16.16 14.59
C VAL A 462 6.23 -15.15 13.92
N SER A 463 5.91 -15.36 12.64
CA SER A 463 5.11 -14.39 11.90
C SER A 463 3.62 -14.46 12.25
N PRO A 464 2.99 -15.65 12.29
CA PRO A 464 1.56 -15.67 12.64
C PRO A 464 1.25 -15.08 14.00
N CYS A 465 2.12 -15.29 15.00
CA CYS A 465 1.87 -14.74 16.33
C CYS A 465 1.88 -13.22 16.31
N PHE A 466 2.86 -12.61 15.64
CA PHE A 466 2.99 -11.13 15.54
C PHE A 466 1.87 -10.54 14.67
N LEU A 467 1.40 -11.27 13.67
CA LEU A 467 0.25 -10.80 12.89
C LEU A 467 -1.04 -10.87 13.70
N LEU A 468 -1.23 -11.95 14.46
CA LEU A 468 -2.42 -12.08 15.29
C LEU A 468 -2.45 -11.02 16.38
N PHE A 469 -1.31 -10.76 17.02
CA PHE A 469 -1.27 -9.72 18.05
C PHE A 469 -1.63 -8.36 17.47
N VAL A 470 -1.07 -8.04 16.30
CA VAL A 470 -1.37 -6.76 15.67
C VAL A 470 -2.84 -6.67 15.30
N VAL A 471 -3.41 -7.76 14.77
CA VAL A 471 -4.81 -7.75 14.35
C VAL A 471 -5.72 -7.53 15.55
N VAL A 472 -5.49 -8.26 16.65
CA VAL A 472 -6.34 -8.11 17.83
C VAL A 472 -6.21 -6.72 18.41
N VAL A 473 -4.98 -6.20 18.50
CA VAL A 473 -4.77 -4.85 19.03
C VAL A 473 -5.49 -3.82 18.17
N SER A 474 -5.40 -3.95 16.85
CA SER A 474 -6.07 -3.01 15.96
C SER A 474 -7.58 -3.06 16.11
N ILE A 475 -8.13 -4.27 16.26
CA ILE A 475 -9.58 -4.40 16.35
C ILE A 475 -10.10 -3.84 17.66
N VAL A 476 -9.43 -4.17 18.77
CA VAL A 476 -9.95 -3.75 20.08
C VAL A 476 -9.81 -2.24 20.27
N THR A 477 -8.67 -1.67 19.90
CA THR A 477 -8.45 -0.24 20.08
C THR A 477 -9.35 0.57 19.13
N PHE A 478 -9.79 1.74 19.61
CA PHE A 478 -10.78 2.51 18.87
C PHE A 478 -10.14 3.30 17.72
N ARG A 479 -9.28 4.26 18.05
CA ARG A 479 -8.55 5.10 17.09
C ARG A 479 -9.46 5.69 16.03
N PRO A 480 -10.34 6.64 16.38
CA PRO A 480 -11.15 7.29 15.34
C PRO A 480 -10.27 8.12 14.43
N PRO A 481 -10.63 8.25 13.16
CA PRO A 481 -9.84 9.06 12.23
C PRO A 481 -10.16 10.55 12.37
N HIS A 482 -9.25 11.36 11.86
CA HIS A 482 -9.39 12.81 11.95
C HIS A 482 -8.52 13.45 10.87
N TYR A 483 -8.77 14.74 10.62
CA TYR A 483 -7.97 15.53 9.67
C TYR A 483 -7.64 16.86 10.36
N GLY A 484 -6.53 16.87 11.10
CA GLY A 484 -6.06 18.09 11.75
C GLY A 484 -6.82 18.42 13.01
N ALA A 485 -8.05 18.91 12.85
CA ALA A 485 -8.92 19.21 13.98
C ALA A 485 -10.35 18.72 13.79
N TYR A 486 -10.75 18.38 12.57
CA TYR A 486 -12.08 17.80 12.34
C TYR A 486 -12.15 16.41 12.95
N ILE A 487 -13.25 16.13 13.64
CA ILE A 487 -13.49 14.84 14.28
C ILE A 487 -14.64 14.18 13.56
N PHE A 488 -14.39 12.99 13.01
CA PHE A 488 -15.39 12.30 12.22
C PHE A 488 -16.56 11.88 13.11
N PRO A 489 -17.80 11.95 12.61
CA PRO A 489 -18.95 11.52 13.43
C PRO A 489 -19.03 10.02 13.57
N ASP A 490 -20.03 9.54 14.32
CA ASP A 490 -20.18 8.11 14.54
C ASP A 490 -20.49 7.36 13.26
N TRP A 491 -21.37 7.92 12.41
CA TRP A 491 -21.80 7.19 11.23
C TRP A 491 -20.66 7.03 10.23
N ALA A 492 -19.70 7.96 10.21
CA ALA A 492 -18.53 7.79 9.34
C ALA A 492 -17.71 6.58 9.77
N ASN A 493 -17.50 6.41 11.09
CA ASN A 493 -16.78 5.24 11.58
C ASN A 493 -17.57 3.96 11.31
N ALA A 494 -18.89 4.01 11.46
CA ALA A 494 -19.71 2.84 11.15
C ALA A 494 -19.57 2.45 9.68
N LEU A 495 -19.59 3.44 8.78
CA LEU A 495 -19.43 3.16 7.36
C LEU A 495 -18.05 2.60 7.06
N GLY A 496 -17.01 3.14 7.69
CA GLY A 496 -15.67 2.61 7.48
C GLY A 496 -15.55 1.17 7.93
N TRP A 497 -16.12 0.84 9.10
CA TRP A 497 -16.10 -0.55 9.54
C TRP A 497 -16.92 -1.44 8.61
N VAL A 498 -18.00 -0.90 8.03
CA VAL A 498 -18.78 -1.69 7.08
C VAL A 498 -17.95 -2.02 5.85
N ILE A 499 -17.22 -1.05 5.32
CA ILE A 499 -16.43 -1.32 4.11
C ILE A 499 -15.20 -2.17 4.42
N ALA A 500 -14.69 -2.15 5.65
CA ALA A 500 -13.62 -3.08 6.00
C ALA A 500 -14.16 -4.51 6.15
N THR A 501 -15.28 -4.67 6.84
CA THR A 501 -15.88 -5.98 7.04
C THR A 501 -16.35 -6.59 5.73
N SER A 502 -16.76 -5.77 4.76
CA SER A 502 -17.18 -6.30 3.47
C SER A 502 -16.05 -7.09 2.80
N SER A 503 -14.83 -6.59 2.88
CA SER A 503 -13.69 -7.33 2.35
C SER A 503 -13.27 -8.47 3.28
N MET A 504 -13.36 -8.25 4.60
CA MET A 504 -12.88 -9.27 5.53
C MET A 504 -13.76 -10.52 5.53
N ALA A 505 -15.05 -10.38 5.22
CA ALA A 505 -16.02 -11.44 5.43
C ALA A 505 -16.22 -12.33 4.20
N MET A 506 -15.21 -12.48 3.35
CA MET A 506 -15.30 -13.37 2.20
C MET A 506 -14.84 -14.78 2.51
N VAL A 507 -14.15 -15.00 3.62
CA VAL A 507 -13.64 -16.31 4.00
C VAL A 507 -14.76 -17.18 4.59
N PRO A 508 -15.50 -16.73 5.62
CA PRO A 508 -16.54 -17.62 6.18
C PRO A 508 -17.62 -18.00 5.19
N ILE A 509 -18.03 -17.10 4.30
CA ILE A 509 -19.11 -17.42 3.37
C ILE A 509 -18.65 -18.49 2.38
N TYR A 510 -17.45 -18.34 1.83
CA TYR A 510 -16.96 -19.37 0.91
C TYR A 510 -16.71 -20.68 1.64
N ALA A 511 -16.23 -20.63 2.88
CA ALA A 511 -16.03 -21.86 3.63
C ALA A 511 -17.35 -22.59 3.83
N ALA A 512 -18.41 -21.86 4.17
CA ALA A 512 -19.72 -22.49 4.35
C ALA A 512 -20.24 -23.05 3.05
N TYR A 513 -20.10 -22.31 1.95
CA TYR A 513 -20.58 -22.81 0.66
C TYR A 513 -19.82 -24.06 0.23
N LYS A 514 -18.49 -24.06 0.40
CA LYS A 514 -17.69 -25.22 0.02
C LYS A 514 -18.03 -26.42 0.88
N PHE A 515 -18.22 -26.22 2.19
CA PHE A 515 -18.56 -27.34 3.05
C PHE A 515 -19.94 -27.91 2.71
N CYS A 516 -20.89 -27.05 2.39
CA CYS A 516 -22.23 -27.53 2.05
C CYS A 516 -22.29 -28.16 0.65
N SER A 517 -21.35 -27.80 -0.24
CA SER A 517 -21.40 -28.34 -1.60
C SER A 517 -20.91 -29.78 -1.67
N LEU A 518 -19.90 -30.13 -0.87
CA LEU A 518 -19.32 -31.46 -0.94
C LEU A 518 -20.32 -32.51 -0.46
N PRO A 519 -20.25 -33.74 -0.97
CA PRO A 519 -21.18 -34.78 -0.53
C PRO A 519 -20.66 -35.71 0.56
N GLY A 520 -21.56 -36.46 1.18
CA GLY A 520 -21.17 -37.41 2.21
C GLY A 520 -21.63 -37.01 3.60
N SER A 521 -20.86 -37.38 4.62
CA SER A 521 -21.12 -37.05 6.01
C SER A 521 -20.14 -35.99 6.48
N PHE A 522 -20.17 -35.69 7.79
CA PHE A 522 -19.30 -34.68 8.36
C PHE A 522 -17.83 -35.02 8.15
N ARG A 523 -17.44 -36.24 8.52
CA ARG A 523 -16.05 -36.66 8.32
C ARG A 523 -15.70 -36.70 6.84
N GLU A 524 -16.61 -37.21 6.01
CA GLU A 524 -16.34 -37.30 4.58
C GLU A 524 -16.16 -35.92 3.96
N LYS A 525 -17.00 -34.96 4.34
CA LYS A 525 -16.86 -33.61 3.79
C LYS A 525 -15.60 -32.93 4.32
N LEU A 526 -15.30 -33.11 5.61
CA LEU A 526 -14.12 -32.49 6.19
C LEU A 526 -12.83 -33.05 5.61
N ALA A 527 -12.84 -34.31 5.17
CA ALA A 527 -11.65 -34.91 4.59
C ALA A 527 -11.24 -34.20 3.29
N TYR A 528 -12.21 -33.99 2.39
CA TYR A 528 -11.91 -33.31 1.12
C TYR A 528 -11.92 -31.79 1.23
N ALA A 529 -12.45 -31.22 2.30
CA ALA A 529 -12.45 -29.76 2.40
C ALA A 529 -11.07 -29.22 2.74
N ILE A 530 -10.24 -29.97 3.44
CA ILE A 530 -8.95 -29.47 3.90
C ILE A 530 -7.76 -30.15 3.24
N ALA A 531 -7.92 -31.34 2.66
CA ALA A 531 -6.81 -32.01 2.03
C ALA A 531 -6.54 -31.43 0.64
N PRO A 532 -5.29 -31.43 0.19
CA PRO A 532 -4.98 -30.88 -1.13
C PRO A 532 -5.60 -31.71 -2.24
N GLU A 533 -5.81 -31.04 -3.39
CA GLU A 533 -6.37 -31.72 -4.55
C GLU A 533 -5.42 -32.78 -5.09
N LYS A 534 -4.12 -32.63 -4.83
CA LYS A 534 -3.17 -33.66 -5.22
C LYS A 534 -3.23 -34.87 -4.29
N ASP A 535 -3.97 -34.77 -3.18
CA ASP A 535 -4.12 -35.85 -2.21
C ASP A 535 -5.40 -36.64 -2.42
N ARG A 536 -6.02 -36.53 -3.59
CA ARG A 536 -7.31 -37.18 -3.84
C ARG A 536 -7.19 -38.70 -3.83
N GLU A 537 -6.18 -39.24 -4.51
CA GLU A 537 -6.00 -40.69 -4.60
C GLU A 537 -5.64 -41.32 -3.27
N LEU A 538 -5.26 -40.53 -2.27
CA LEU A 538 -4.90 -41.06 -0.96
C LEU A 538 -5.95 -40.82 0.11
N VAL A 539 -6.70 -39.71 0.04
CA VAL A 539 -7.78 -39.51 1.01
C VAL A 539 -8.92 -40.49 0.76
N ASP A 540 -9.15 -40.89 -0.49
CA ASP A 540 -10.23 -41.80 -0.79
C ASP A 540 -9.98 -43.19 -0.21
N ARG A 541 -8.72 -43.63 -0.18
CA ARG A 541 -8.43 -44.96 0.37
C ARG A 541 -8.05 -44.84 1.85
N GLY A 542 -8.95 -44.18 2.59
CA GLY A 542 -8.89 -44.13 4.04
C GLY A 542 -7.59 -43.64 4.65
N GLU A 543 -7.02 -42.57 4.12
CA GLU A 543 -5.74 -42.06 4.63
C GLU A 543 -5.70 -40.55 4.40
N VAL A 544 -5.96 -39.79 5.46
CA VAL A 544 -5.86 -38.33 5.43
C VAL A 544 -4.71 -37.91 6.33
N ARG A 545 -3.77 -37.14 5.78
CA ARG A 545 -2.60 -36.71 6.54
C ARG A 545 -2.94 -35.69 7.61
N GLN A 546 -3.94 -34.83 7.35
CA GLN A 546 -4.30 -33.77 8.28
C GLN A 546 -5.08 -34.26 9.49
N PHE A 547 -5.26 -35.58 9.63
CA PHE A 547 -6.00 -36.16 10.73
C PHE A 547 -5.09 -36.79 11.78
N THR A 548 -3.81 -36.45 11.79
CA THR A 548 -2.86 -37.00 12.74
C THR A 548 -2.12 -35.87 13.44
N LEU A 549 -1.71 -36.14 14.69
CA LEU A 549 -1.02 -35.13 15.49
C LEU A 549 0.37 -34.81 14.95
N ARG A 550 1.03 -35.78 14.32
CA ARG A 550 2.38 -35.57 13.81
C ARG A 550 2.41 -34.52 12.72
N HIS A 551 1.36 -34.43 11.91
CA HIS A 551 1.33 -33.42 10.85
C HIS A 551 1.33 -32.02 11.43
N TRP A 552 0.54 -31.80 12.49
CA TRP A 552 0.46 -30.47 13.09
C TRP A 552 1.66 -30.15 13.96
N LEU A 553 2.25 -31.16 14.60
CA LEU A 553 3.36 -30.94 15.53
C LEU A 553 4.69 -31.18 14.80
N LYS A 554 4.95 -30.34 13.81
CA LYS A 554 6.24 -30.38 13.12
C LYS A 554 6.56 -28.98 12.60
N VAL A 555 7.80 -28.55 12.78
CA VAL A 555 8.22 -27.22 12.38
C VAL A 555 9.43 -27.31 11.46
#